data_1KUG
#
_entry.id   1KUG
#
_cell.length_a   61.151
_cell.length_b   61.151
_cell.length_c   131.193
_cell.angle_alpha   90.00
_cell.angle_beta   90.00
_cell.angle_gamma   90.00
#
_symmetry.space_group_name_H-M   'P 41 21 2'
#
loop_
_entity.id
_entity.type
_entity.pdbx_description
1 polymer metalloproteinase
2 polymer ENW
3 non-polymer 'CADMIUM ION'
4 water water
#
loop_
_entity_poly.entity_id
_entity_poly.type
_entity_poly.pdbx_seq_one_letter_code
_entity_poly.pdbx_strand_id
1 'polypeptide(L)'
;EQQRFPQRYIELAIVVDHGMYTKYSSNFKKIRKRVHQMVSNINEMCRPLNIAITLALLDVWSEKDFITVQADAPTTAGLF
GDWRERVLLKKKNHDHAQLLTDTNFARNTIGWAYVGRMCDEKYSVAVVKDHSSKVFMVAVTMTHELGHNLGMEHDDKDKC
KCTTCIMSAVISDKQSKLFSDCSKDYYQTFLTNDNPQCILNAP
;
A
2 'polypeptide(L)' (PCA)NW B
#
loop_
_chem_comp.id
_chem_comp.type
_chem_comp.name
_chem_comp.formula
CD non-polymer 'CADMIUM ION' 'Cd 2'
#
# COMPACT_ATOMS: atom_id res chain seq x y z
N GLN A 3 0.43 -20.82 13.59
CA GLN A 3 0.32 -19.43 13.04
C GLN A 3 -0.05 -18.50 14.20
N ARG A 4 0.70 -17.41 14.33
CA ARG A 4 0.44 -16.46 15.40
C ARG A 4 -0.86 -15.67 15.23
N PHE A 5 -1.24 -15.39 13.99
CA PHE A 5 -2.43 -14.61 13.71
C PHE A 5 -3.53 -15.40 13.02
N PRO A 6 -4.79 -15.04 13.27
CA PRO A 6 -5.95 -15.70 12.65
C PRO A 6 -5.99 -15.26 11.17
N GLN A 7 -6.60 -16.06 10.31
CA GLN A 7 -6.66 -15.76 8.88
C GLN A 7 -7.40 -14.48 8.57
N ARG A 8 -6.79 -13.65 7.72
CA ARG A 8 -7.47 -12.45 7.23
C ARG A 8 -7.21 -12.39 5.73
N TYR A 9 -7.90 -11.47 5.09
CA TYR A 9 -7.82 -11.31 3.65
C TYR A 9 -7.84 -9.84 3.28
N ILE A 10 -6.99 -9.42 2.37
CA ILE A 10 -7.08 -8.04 1.90
C ILE A 10 -7.20 -8.06 0.38
N GLU A 11 -8.34 -7.60 -0.10
CA GLU A 11 -8.63 -7.52 -1.53
C GLU A 11 -8.21 -6.14 -1.99
N LEU A 12 -7.11 -6.09 -2.74
CA LEU A 12 -6.54 -4.83 -3.16
C LEU A 12 -6.97 -4.29 -4.48
N ALA A 13 -7.13 -2.98 -4.55
CA ALA A 13 -7.28 -2.33 -5.84
C ALA A 13 -6.00 -1.52 -6.04
N ILE A 14 -5.43 -1.58 -7.22
CA ILE A 14 -4.24 -0.79 -7.56
C ILE A 14 -4.64 0.08 -8.73
N VAL A 15 -4.37 1.37 -8.60
CA VAL A 15 -4.67 2.34 -9.66
C VAL A 15 -3.35 2.88 -10.17
N VAL A 16 -3.14 2.86 -11.49
CA VAL A 16 -1.87 3.34 -12.08
C VAL A 16 -2.24 4.63 -12.76
N ASP A 17 -1.59 5.72 -12.36
CA ASP A 17 -1.98 7.00 -12.93
C ASP A 17 -1.43 7.23 -14.34
N HIS A 18 -1.84 8.33 -14.97
CA HIS A 18 -1.45 8.57 -16.33
C HIS A 18 0.05 8.80 -16.52
N GLY A 19 0.71 9.40 -15.54
CA GLY A 19 2.14 9.61 -15.68
C GLY A 19 2.87 8.27 -15.66
N MET A 20 2.41 7.34 -14.83
CA MET A 20 3.09 6.05 -14.79
C MET A 20 2.78 5.29 -16.10
N TYR A 21 1.56 5.44 -16.61
CA TYR A 21 1.18 4.78 -17.87
C TYR A 21 2.17 5.24 -18.97
N THR A 22 2.42 6.54 -19.04
CA THR A 22 3.33 7.12 -20.04
C THR A 22 4.77 6.67 -19.82
N LYS A 23 5.18 6.58 -18.56
CA LYS A 23 6.52 6.15 -18.19
C LYS A 23 6.81 4.75 -18.73
N TYR A 24 5.80 3.88 -18.70
CA TYR A 24 5.96 2.50 -19.17
C TYR A 24 5.51 2.34 -20.60
N SER A 25 5.82 3.34 -21.42
CA SER A 25 5.48 3.31 -22.85
C SER A 25 4.02 3.07 -23.22
N SER A 26 3.10 3.52 -22.38
CA SER A 26 1.68 3.36 -22.64
C SER A 26 1.37 1.90 -22.97
N ASN A 27 2.09 0.97 -22.33
CA ASN A 27 1.94 -0.46 -22.59
C ASN A 27 1.19 -1.14 -21.44
N PHE A 28 -0.10 -1.37 -21.62
CA PHE A 28 -0.91 -2.02 -20.58
C PHE A 28 -0.37 -3.35 -20.11
N LYS A 29 0.01 -4.24 -21.03
CA LYS A 29 0.53 -5.55 -20.67
C LYS A 29 1.73 -5.44 -19.77
N LYS A 30 2.66 -4.55 -20.10
CA LYS A 30 3.86 -4.38 -19.29
C LYS A 30 3.51 -3.84 -17.90
N ILE A 31 2.58 -2.90 -17.84
CA ILE A 31 2.14 -2.31 -16.56
C ILE A 31 1.45 -3.39 -15.71
N ARG A 32 0.58 -4.18 -16.33
CA ARG A 32 -0.10 -5.25 -15.58
C ARG A 32 0.91 -6.24 -15.01
N LYS A 33 1.90 -6.62 -15.81
CA LYS A 33 2.91 -7.55 -15.31
C LYS A 33 3.63 -6.96 -14.09
N ARG A 34 4.05 -5.69 -14.18
CA ARG A 34 4.76 -5.07 -13.06
C ARG A 34 3.87 -5.04 -11.81
N VAL A 35 2.60 -4.69 -11.98
CA VAL A 35 1.68 -4.64 -10.84
C VAL A 35 1.51 -6.05 -10.26
N HIS A 36 1.37 -7.07 -11.10
CA HIS A 36 1.25 -8.41 -10.53
C HIS A 36 2.49 -8.78 -9.71
N GLN A 37 3.68 -8.42 -10.22
CA GLN A 37 4.90 -8.74 -9.48
C GLN A 37 4.93 -8.03 -8.13
N MET A 38 4.41 -6.80 -8.09
CA MET A 38 4.33 -6.08 -6.82
C MET A 38 3.40 -6.82 -5.88
N VAL A 39 2.24 -7.23 -6.37
CA VAL A 39 1.28 -7.96 -5.52
C VAL A 39 1.88 -9.25 -5.01
N SER A 40 2.64 -9.97 -5.85
CA SER A 40 3.23 -11.24 -5.40
C SER A 40 4.18 -10.98 -4.24
N ASN A 41 4.92 -9.87 -4.32
CA ASN A 41 5.82 -9.49 -3.23
C ASN A 41 5.07 -9.07 -1.95
N ILE A 42 3.98 -8.33 -2.10
CA ILE A 42 3.18 -7.90 -0.93
C ILE A 42 2.60 -9.17 -0.27
N ASN A 43 2.08 -10.07 -1.09
CA ASN A 43 1.55 -11.29 -0.52
C ASN A 43 2.63 -12.07 0.27
N GLU A 44 3.83 -12.19 -0.29
CA GLU A 44 4.91 -12.89 0.38
C GLU A 44 5.22 -12.19 1.73
N MET A 45 5.29 -10.86 1.70
CA MET A 45 5.61 -10.14 2.94
C MET A 45 4.54 -10.25 4.01
N CYS A 46 3.30 -10.47 3.58
CA CYS A 46 2.23 -10.62 4.54
C CYS A 46 2.01 -12.05 5.03
N ARG A 47 2.79 -13.00 4.55
CA ARG A 47 2.55 -14.37 5.01
C ARG A 47 2.68 -14.56 6.52
N PRO A 48 3.71 -13.96 7.15
CA PRO A 48 3.81 -14.15 8.61
C PRO A 48 2.67 -13.49 9.37
N LEU A 49 1.88 -12.62 8.73
CA LEU A 49 0.74 -12.01 9.40
C LEU A 49 -0.55 -12.81 9.16
N ASN A 50 -0.41 -13.85 8.33
CA ASN A 50 -1.54 -14.69 7.92
C ASN A 50 -2.63 -13.88 7.20
N ILE A 51 -2.19 -12.94 6.35
CA ILE A 51 -3.12 -12.16 5.55
C ILE A 51 -2.93 -12.57 4.09
N ALA A 52 -3.99 -13.07 3.47
CA ALA A 52 -3.93 -13.46 2.05
C ALA A 52 -4.24 -12.22 1.24
N ILE A 53 -3.33 -11.86 0.36
CA ILE A 53 -3.44 -10.65 -0.46
C ILE A 53 -3.86 -11.01 -1.88
N THR A 54 -4.92 -10.39 -2.37
CA THR A 54 -5.31 -10.60 -3.76
C THR A 54 -5.49 -9.27 -4.45
N LEU A 55 -5.32 -9.27 -5.78
CA LEU A 55 -5.55 -8.10 -6.62
C LEU A 55 -6.99 -8.18 -7.11
N ALA A 56 -7.91 -7.49 -6.44
CA ALA A 56 -9.31 -7.49 -6.83
C ALA A 56 -9.55 -6.65 -8.07
N LEU A 57 -8.77 -5.59 -8.24
CA LEU A 57 -8.98 -4.66 -9.33
C LEU A 57 -7.76 -3.90 -9.73
N LEU A 58 -7.51 -3.77 -11.03
CA LEU A 58 -6.39 -2.98 -11.57
C LEU A 58 -7.05 -1.96 -12.47
N ASP A 59 -6.79 -0.68 -12.22
CA ASP A 59 -7.36 0.39 -13.02
C ASP A 59 -6.19 1.22 -13.51
N VAL A 60 -5.98 1.28 -14.83
CA VAL A 60 -4.88 2.04 -15.40
C VAL A 60 -5.49 3.24 -16.10
N TRP A 61 -5.05 4.43 -15.69
CA TRP A 61 -5.57 5.68 -16.25
C TRP A 61 -4.86 6.00 -17.55
N SER A 62 -5.22 5.25 -18.60
CA SER A 62 -4.61 5.36 -19.91
C SER A 62 -4.96 6.61 -20.72
N GLU A 63 -6.01 7.32 -20.32
CA GLU A 63 -6.44 8.53 -21.04
C GLU A 63 -6.02 9.81 -20.31
N LYS A 64 -6.37 9.91 -19.04
CA LYS A 64 -6.04 11.09 -18.23
C LYS A 64 -6.19 10.77 -16.75
N ASP A 65 -5.63 11.63 -15.89
CA ASP A 65 -5.79 11.46 -14.46
C ASP A 65 -7.20 11.91 -14.06
N PHE A 66 -7.83 11.16 -13.17
CA PHE A 66 -9.17 11.46 -12.71
C PHE A 66 -9.21 12.30 -11.43
N ILE A 67 -8.03 12.55 -10.85
CA ILE A 67 -7.88 13.42 -9.69
C ILE A 67 -6.65 14.26 -9.98
N THR A 68 -6.49 15.32 -9.21
CA THR A 68 -5.33 16.17 -9.37
C THR A 68 -4.15 15.55 -8.60
N VAL A 69 -3.36 14.72 -9.27
CA VAL A 69 -2.20 14.08 -8.63
C VAL A 69 -1.30 15.29 -8.51
N GLN A 70 -0.71 15.47 -7.35
CA GLN A 70 0.13 16.65 -7.11
C GLN A 70 1.26 16.35 -6.17
N ALA A 71 2.11 17.35 -5.93
CA ALA A 71 3.30 17.13 -5.14
C ALA A 71 3.10 16.78 -3.68
N ASP A 72 2.09 17.33 -3.02
CA ASP A 72 1.88 16.96 -1.63
C ASP A 72 1.18 15.60 -1.56
N ALA A 73 1.88 14.61 -1.03
CA ALA A 73 1.34 13.27 -0.99
C ALA A 73 0.07 13.16 -0.16
N PRO A 74 0.02 13.80 1.03
CA PRO A 74 -1.23 13.70 1.83
C PRO A 74 -2.43 14.29 1.11
N THR A 75 -2.22 15.40 0.39
CA THR A 75 -3.31 16.05 -0.36
C THR A 75 -3.78 15.11 -1.48
N THR A 76 -2.82 14.51 -2.19
CA THR A 76 -3.15 13.56 -3.25
C THR A 76 -3.90 12.37 -2.66
N ALA A 77 -3.48 11.89 -1.49
CA ALA A 77 -4.16 10.76 -0.86
C ALA A 77 -5.61 11.09 -0.53
N GLY A 78 -5.86 12.30 -0.06
CA GLY A 78 -7.23 12.68 0.27
C GLY A 78 -8.11 12.75 -0.96
N LEU A 79 -7.58 13.29 -2.05
CA LEU A 79 -8.34 13.34 -3.29
C LEU A 79 -8.58 11.92 -3.82
N PHE A 80 -7.57 11.06 -3.67
CA PHE A 80 -7.67 9.67 -4.11
C PHE A 80 -8.71 8.93 -3.27
N GLY A 81 -8.70 9.14 -1.96
CA GLY A 81 -9.69 8.49 -1.11
C GLY A 81 -11.11 8.93 -1.45
N ASP A 82 -11.28 10.21 -1.78
CA ASP A 82 -12.62 10.71 -2.13
C ASP A 82 -13.05 10.02 -3.44
N TRP A 83 -12.15 9.94 -4.40
CA TRP A 83 -12.45 9.35 -5.70
C TRP A 83 -12.68 7.84 -5.54
N ARG A 84 -11.93 7.19 -4.64
CA ARG A 84 -12.16 5.77 -4.40
C ARG A 84 -13.59 5.54 -3.83
N GLU A 85 -14.02 6.37 -2.89
CA GLU A 85 -15.35 6.18 -2.31
C GLU A 85 -16.44 6.51 -3.31
N ARG A 86 -16.22 7.51 -4.15
CA ARG A 86 -17.27 7.94 -5.09
C ARG A 86 -17.33 7.12 -6.35
N VAL A 87 -16.16 6.71 -6.84
CA VAL A 87 -16.08 6.01 -8.11
C VAL A 87 -15.53 4.58 -8.05
N LEU A 88 -14.31 4.41 -7.57
CA LEU A 88 -13.72 3.07 -7.60
C LEU A 88 -14.50 1.96 -6.88
N LEU A 89 -15.02 2.23 -5.69
CA LEU A 89 -15.78 1.24 -4.95
C LEU A 89 -17.09 0.88 -5.64
N LYS A 90 -17.59 1.76 -6.51
CA LYS A 90 -18.82 1.46 -7.26
C LYS A 90 -18.51 0.55 -8.44
N LYS A 91 -17.25 0.47 -8.84
CA LYS A 91 -16.85 -0.40 -9.95
C LYS A 91 -16.73 -1.84 -9.46
N LYS A 92 -16.05 -2.04 -8.35
CA LYS A 92 -15.89 -3.38 -7.78
C LYS A 92 -15.51 -3.24 -6.33
N ASN A 93 -16.13 -4.02 -5.45
CA ASN A 93 -15.80 -3.91 -4.05
C ASN A 93 -14.41 -4.44 -3.79
N HIS A 94 -13.73 -3.77 -2.85
CA HIS A 94 -12.39 -4.15 -2.45
C HIS A 94 -12.13 -3.50 -1.08
N ASP A 95 -11.04 -3.90 -0.45
CA ASP A 95 -10.74 -3.46 0.90
C ASP A 95 -9.81 -2.29 1.11
N HIS A 96 -8.89 -2.11 0.17
CA HIS A 96 -7.86 -1.09 0.30
C HIS A 96 -7.42 -0.78 -1.10
N ALA A 97 -7.13 0.48 -1.40
CA ALA A 97 -6.65 0.84 -2.73
C ALA A 97 -5.37 1.66 -2.65
N GLN A 98 -4.44 1.39 -3.56
CA GLN A 98 -3.22 2.21 -3.62
C GLN A 98 -3.06 2.83 -4.99
N LEU A 99 -2.66 4.09 -5.01
CA LEU A 99 -2.39 4.81 -6.23
C LEU A 99 -0.90 4.75 -6.49
N LEU A 100 -0.50 4.25 -7.63
CA LEU A 100 0.91 4.19 -8.02
C LEU A 100 1.11 5.34 -9.01
N THR A 101 2.18 6.12 -8.80
CA THR A 101 2.43 7.29 -9.62
C THR A 101 3.91 7.51 -9.79
N ASP A 102 4.31 8.26 -10.83
CA ASP A 102 5.70 8.59 -10.97
C ASP A 102 5.97 10.02 -10.46
N THR A 103 4.96 10.63 -9.86
CA THR A 103 5.07 12.00 -9.33
C THR A 103 6.21 12.17 -8.37
N ASN A 104 6.99 13.24 -8.55
CA ASN A 104 8.07 13.54 -7.64
C ASN A 104 7.43 14.26 -6.43
N PHE A 105 6.89 13.51 -5.49
CA PHE A 105 6.25 14.09 -4.32
C PHE A 105 7.19 14.94 -3.52
N ALA A 106 6.60 15.97 -2.92
CA ALA A 106 7.31 16.93 -2.09
C ALA A 106 7.95 16.23 -0.90
N ARG A 107 8.96 16.89 -0.32
CA ARG A 107 9.69 16.38 0.85
C ARG A 107 10.34 15.01 0.60
N ASN A 108 10.77 14.76 -0.62
CA ASN A 108 11.46 13.51 -0.96
C ASN A 108 10.58 12.34 -0.48
N THR A 109 9.27 12.42 -0.74
CA THR A 109 8.34 11.38 -0.26
C THR A 109 8.12 10.30 -1.28
N ILE A 110 8.20 9.04 -0.84
CA ILE A 110 8.00 7.91 -1.73
C ILE A 110 6.71 7.14 -1.46
N GLY A 111 6.03 7.48 -0.35
CA GLY A 111 4.76 6.85 -0.04
C GLY A 111 4.10 7.50 1.16
N TRP A 112 2.78 7.38 1.25
CA TRP A 112 2.03 7.93 2.38
C TRP A 112 0.69 7.21 2.52
N ALA A 113 0.21 7.05 3.74
CA ALA A 113 -1.08 6.42 3.94
C ALA A 113 -1.65 6.89 5.27
N TYR A 114 -2.95 6.67 5.44
CA TYR A 114 -3.62 6.98 6.72
C TYR A 114 -3.31 5.81 7.66
N VAL A 115 -3.16 6.10 8.94
CA VAL A 115 -2.88 5.08 9.91
C VAL A 115 -4.11 4.45 10.54
N GLY A 116 -4.16 3.13 10.47
CA GLY A 116 -5.21 2.38 11.13
C GLY A 116 -6.59 2.49 10.57
N ARG A 117 -6.73 2.79 9.28
CA ARG A 117 -8.06 2.93 8.71
C ARG A 117 -8.43 1.86 7.67
N MET A 118 -7.79 0.70 7.74
CA MET A 118 -8.13 -0.40 6.85
C MET A 118 -9.66 -0.62 6.85
N CYS A 119 -10.21 -0.74 5.64
CA CYS A 119 -11.63 -0.97 5.34
C CYS A 119 -12.46 0.29 5.23
N ASP A 120 -11.97 1.42 5.74
CA ASP A 120 -12.75 2.66 5.66
C ASP A 120 -12.89 3.07 4.20
N GLU A 121 -14.10 3.45 3.78
CA GLU A 121 -14.30 3.78 2.38
C GLU A 121 -13.39 4.88 1.83
N LYS A 122 -13.17 5.93 2.61
CA LYS A 122 -12.30 7.00 2.15
C LYS A 122 -10.86 6.87 2.62
N TYR A 123 -10.62 6.21 3.75
CA TYR A 123 -9.29 6.18 4.33
C TYR A 123 -8.46 4.92 4.19
N SER A 124 -9.05 3.88 3.60
CA SER A 124 -8.29 2.65 3.34
C SER A 124 -7.52 2.81 2.00
N VAL A 125 -6.60 3.77 2.00
CA VAL A 125 -5.82 4.06 0.81
C VAL A 125 -4.41 4.44 1.14
N ALA A 126 -3.57 4.35 0.10
CA ALA A 126 -2.19 4.79 0.16
C ALA A 126 -1.81 5.36 -1.21
N VAL A 127 -0.80 6.21 -1.24
CA VAL A 127 -0.25 6.71 -2.49
C VAL A 127 1.23 6.29 -2.47
N VAL A 128 1.73 5.79 -3.60
CA VAL A 128 3.09 5.28 -3.63
C VAL A 128 3.77 5.69 -4.92
N LYS A 129 5.01 6.19 -4.80
CA LYS A 129 5.78 6.58 -5.94
C LYS A 129 6.49 5.37 -6.50
N ASP A 130 6.47 5.22 -7.83
CA ASP A 130 7.20 4.12 -8.50
C ASP A 130 8.65 4.63 -8.55
N HIS A 131 9.31 4.60 -7.38
CA HIS A 131 10.61 5.25 -7.17
C HIS A 131 11.88 4.48 -7.41
N SER A 132 11.76 3.29 -8.00
CA SER A 132 12.93 2.46 -8.30
C SER A 132 12.59 1.54 -9.44
N SER A 133 13.60 1.16 -10.22
CA SER A 133 13.38 0.20 -11.27
C SER A 133 13.23 -1.16 -10.60
N LYS A 134 13.73 -1.32 -9.36
CA LYS A 134 13.64 -2.61 -8.64
C LYS A 134 12.24 -2.77 -8.08
N VAL A 135 11.52 -3.73 -8.63
CA VAL A 135 10.17 -4.03 -8.19
C VAL A 135 10.07 -4.19 -6.68
N PHE A 136 11.03 -4.88 -6.08
CA PHE A 136 10.92 -5.08 -4.65
C PHE A 136 10.95 -3.77 -3.87
N MET A 137 11.76 -2.80 -4.30
CA MET A 137 11.80 -1.54 -3.57
C MET A 137 10.48 -0.81 -3.59
N VAL A 138 9.74 -0.89 -4.69
CA VAL A 138 8.43 -0.27 -4.75
C VAL A 138 7.43 -1.15 -3.94
N ALA A 139 7.51 -2.48 -4.09
CA ALA A 139 6.57 -3.35 -3.36
C ALA A 139 6.73 -3.21 -1.85
N VAL A 140 7.97 -3.07 -1.37
CA VAL A 140 8.13 -2.93 0.09
C VAL A 140 7.57 -1.57 0.56
N THR A 141 7.57 -0.58 -0.34
CA THR A 141 6.97 0.72 -0.01
C THR A 141 5.45 0.55 0.07
N MET A 142 4.88 -0.18 -0.89
CA MET A 142 3.43 -0.45 -0.84
C MET A 142 3.07 -1.21 0.46
N THR A 143 3.92 -2.14 0.86
CA THR A 143 3.70 -2.96 2.05
C THR A 143 3.85 -2.11 3.33
N HIS A 144 4.84 -1.21 3.36
CA HIS A 144 5.03 -0.29 4.49
C HIS A 144 3.75 0.58 4.66
N GLU A 145 3.21 1.13 3.55
CA GLU A 145 1.99 1.94 3.66
C GLU A 145 0.79 1.09 4.08
N LEU A 146 0.70 -0.14 3.55
CA LEU A 146 -0.35 -1.07 3.97
C LEU A 146 -0.22 -1.29 5.49
N GLY A 147 1.00 -1.51 5.96
CA GLY A 147 1.24 -1.71 7.40
C GLY A 147 0.72 -0.53 8.19
N HIS A 148 1.02 0.69 7.75
CA HIS A 148 0.44 1.84 8.44
C HIS A 148 -1.09 1.75 8.48
N ASN A 149 -1.70 1.39 7.36
CA ASN A 149 -3.17 1.33 7.31
C ASN A 149 -3.72 0.23 8.23
N LEU A 150 -2.88 -0.76 8.57
CA LEU A 150 -3.21 -1.83 9.53
C LEU A 150 -2.84 -1.46 10.96
N GLY A 151 -2.60 -0.16 11.22
CA GLY A 151 -2.31 0.32 12.57
C GLY A 151 -0.88 0.31 13.02
N MET A 152 0.06 0.11 12.12
CA MET A 152 1.47 0.09 12.52
C MET A 152 2.10 1.46 12.43
N GLU A 153 2.93 1.78 13.43
CA GLU A 153 3.77 2.98 13.40
C GLU A 153 5.17 2.50 13.03
N HIS A 154 6.09 3.43 12.88
CA HIS A 154 7.46 3.04 12.58
C HIS A 154 8.09 2.26 13.70
N ASP A 155 9.02 1.39 13.32
CA ASP A 155 9.79 0.63 14.30
C ASP A 155 10.54 1.62 15.18
N ASP A 156 10.67 1.25 16.47
CA ASP A 156 11.30 2.10 17.50
C ASP A 156 12.25 1.19 18.28
N LYS A 157 13.51 1.61 18.39
CA LYS A 157 14.53 0.81 19.05
C LYS A 157 14.25 0.43 20.50
N ASP A 158 13.49 1.25 21.20
CA ASP A 158 13.14 0.89 22.57
C ASP A 158 12.15 -0.26 22.60
N LYS A 159 11.37 -0.46 21.55
CA LYS A 159 10.36 -1.51 21.50
C LYS A 159 10.81 -2.77 20.80
N CYS A 160 11.66 -2.67 19.79
CA CYS A 160 12.16 -3.86 19.09
C CYS A 160 13.50 -3.52 18.45
N LYS A 161 14.30 -4.53 18.16
CA LYS A 161 15.62 -4.24 17.70
C LYS A 161 15.87 -4.23 16.18
N CYS A 162 14.92 -4.72 15.40
CA CYS A 162 15.15 -4.78 13.95
C CYS A 162 15.53 -3.45 13.33
N THR A 163 16.55 -3.41 12.47
CA THR A 163 16.96 -2.17 11.82
C THR A 163 16.57 -2.00 10.34
N THR A 164 16.18 -3.08 9.69
CA THR A 164 15.84 -3.04 8.27
C THR A 164 14.49 -3.68 7.95
N CYS A 165 13.63 -3.77 8.95
CA CYS A 165 12.31 -4.36 8.75
C CYS A 165 11.39 -3.41 7.99
N ILE A 166 10.27 -3.94 7.52
CA ILE A 166 9.38 -3.19 6.66
C ILE A 166 8.98 -1.82 7.20
N MET A 167 8.69 -1.72 8.51
CA MET A 167 8.28 -0.45 9.11
C MET A 167 9.43 0.39 9.63
N SER A 168 10.64 0.18 9.11
CA SER A 168 11.77 1.05 9.50
C SER A 168 11.38 2.48 9.15
N ALA A 169 11.91 3.42 9.94
CA ALA A 169 11.58 4.82 9.71
C ALA A 169 11.98 5.35 8.32
N VAL A 170 13.04 4.79 7.75
CA VAL A 170 13.55 5.15 6.45
C VAL A 170 13.89 3.89 5.69
N ILE A 171 13.63 3.91 4.39
CA ILE A 171 13.97 2.78 3.53
C ILE A 171 15.48 2.80 3.28
N SER A 172 16.03 1.64 2.93
CA SER A 172 17.45 1.56 2.53
C SER A 172 17.63 0.46 1.50
N ASP A 173 18.80 0.42 0.90
CA ASP A 173 19.09 -0.59 -0.09
C ASP A 173 19.23 -1.99 0.51
N LYS A 174 19.21 -2.09 1.83
CA LYS A 174 19.29 -3.39 2.50
C LYS A 174 17.94 -3.74 3.11
N GLN A 175 16.88 -3.07 2.63
CA GLN A 175 15.54 -3.33 3.17
C GLN A 175 15.21 -4.82 3.20
N SER A 176 14.74 -5.31 4.35
CA SER A 176 14.36 -6.71 4.43
C SER A 176 12.87 -6.86 4.13
N LYS A 177 12.44 -8.10 3.94
CA LYS A 177 11.06 -8.38 3.65
C LYS A 177 10.30 -8.79 4.90
N LEU A 178 10.91 -8.61 6.08
CA LEU A 178 10.27 -8.98 7.35
C LEU A 178 9.67 -7.85 8.15
N PHE A 179 8.55 -8.16 8.80
CA PHE A 179 7.95 -7.23 9.76
C PHE A 179 8.65 -7.50 11.09
N SER A 180 8.96 -6.43 11.80
CA SER A 180 9.57 -6.51 13.13
C SER A 180 8.57 -6.98 14.19
N ASP A 181 9.07 -7.19 15.41
CA ASP A 181 8.19 -7.55 16.51
C ASP A 181 7.33 -6.33 16.86
N CYS A 182 7.83 -5.12 16.65
CA CYS A 182 7.05 -3.92 16.93
C CYS A 182 5.79 -3.95 16.03
N SER A 183 6.01 -4.26 14.75
CA SER A 183 4.94 -4.29 13.76
C SER A 183 3.92 -5.38 14.04
N LYS A 184 4.41 -6.57 14.39
CA LYS A 184 3.48 -7.67 14.68
C LYS A 184 2.66 -7.30 15.91
N ASP A 185 3.28 -6.68 16.92
CA ASP A 185 2.52 -6.29 18.10
C ASP A 185 1.47 -5.22 17.74
N TYR A 186 1.82 -4.25 16.89
CA TYR A 186 0.84 -3.25 16.44
C TYR A 186 -0.32 -3.93 15.75
N TYR A 187 -0.04 -4.95 14.94
CA TYR A 187 -1.11 -5.65 14.23
C TYR A 187 -2.01 -6.38 15.22
N GLN A 188 -1.44 -7.00 16.25
CA GLN A 188 -2.28 -7.67 17.23
C GLN A 188 -3.20 -6.64 17.88
N THR A 189 -2.66 -5.46 18.20
CA THR A 189 -3.46 -4.42 18.83
C THR A 189 -4.62 -4.02 17.92
N PHE A 190 -4.33 -3.87 16.63
CA PHE A 190 -5.34 -3.54 15.63
C PHE A 190 -6.44 -4.61 15.54
N LEU A 191 -6.07 -5.89 15.50
CA LEU A 191 -7.08 -6.96 15.43
C LEU A 191 -7.94 -7.02 16.69
N THR A 192 -7.34 -6.62 17.80
CA THR A 192 -8.04 -6.62 19.07
C THR A 192 -8.94 -5.43 19.27
N ASN A 193 -8.43 -4.24 19.02
CA ASN A 193 -9.19 -3.00 19.24
C ASN A 193 -10.09 -2.55 18.10
N ASP A 194 -9.69 -2.82 16.86
CA ASP A 194 -10.44 -2.38 15.68
C ASP A 194 -11.15 -3.54 14.99
N ASN A 195 -10.40 -4.58 14.62
CA ASN A 195 -10.96 -5.78 13.99
C ASN A 195 -11.98 -5.46 12.91
N PRO A 196 -11.56 -4.70 11.86
CA PRO A 196 -12.54 -4.37 10.82
C PRO A 196 -13.08 -5.60 10.11
N GLN A 197 -14.37 -5.55 9.81
CA GLN A 197 -15.02 -6.68 9.18
C GLN A 197 -14.63 -7.03 7.75
N CYS A 198 -14.25 -6.04 6.94
CA CYS A 198 -13.98 -6.37 5.56
C CYS A 198 -12.87 -7.37 5.35
N ILE A 199 -11.89 -7.41 6.25
CA ILE A 199 -10.77 -8.32 6.05
C ILE A 199 -11.03 -9.73 6.61
N LEU A 200 -12.21 -9.94 7.16
CA LEU A 200 -12.57 -11.27 7.64
C LEU A 200 -13.19 -12.01 6.47
N ASN A 201 -13.54 -11.27 5.42
CA ASN A 201 -14.18 -11.85 4.25
C ASN A 201 -13.27 -12.37 3.15
N ALA A 202 -13.32 -13.66 2.90
CA ALA A 202 -12.52 -14.25 1.83
C ALA A 202 -13.21 -13.84 0.51
N PRO A 203 -12.45 -13.71 -0.59
CA PRO A 203 -13.03 -13.33 -1.88
C PRO A 203 -14.08 -14.35 -2.33
N PCA B 1 14.44 10.12 2.53
CA PCA B 1 13.21 9.72 1.82
CB PCA B 1 13.47 8.42 1.08
CG PCA B 1 14.82 8.00 1.53
CD PCA B 1 15.31 9.11 2.42
OE PCA B 1 16.39 9.09 3.00
C PCA B 1 12.14 9.53 2.88
O PCA B 1 12.35 8.84 3.89
N ASN B 2 10.98 10.12 2.66
CA ASN B 2 9.90 10.00 3.62
C ASN B 2 8.93 8.95 3.11
N TRP B 3 8.51 8.05 4.00
CA TRP B 3 7.52 7.03 3.68
C TRP B 3 6.77 6.66 4.94
CD CD C . 6.03 5.52 7.27
CD CD D . -0.17 -12.85 -11.73
CD CD E . 6.19 -8.57 21.08
CD CD F . -1.05 11.36 -22.41
CD CD G . -3.42 -18.77 6.15
CD CD H . -11.40 0.60 11.85
CD CD I . -15.72 -16.24 -3.32
CD CD J . 13.91 4.93 -4.69
CD CD K . 12.91 -8.73 17.35
CD CD L . -20.04 9.42 -1.57
CD CD M . -20.09 6.28 1.85
#